data_7Q9C
#
_entry.id   7Q9C
#
_cell.length_a   94.10
_cell.length_b   94.10
_cell.length_c   124.75
_cell.angle_alpha   90.00
_cell.angle_beta   90.00
_cell.angle_gamma   90.00
#
_symmetry.space_group_name_H-M   'P 43 21 2'
#
loop_
_entity.id
_entity.type
_entity.pdbx_description
1 polymer 'Human cathepsin V'
2 polymer 'RLSAKP Peptide'
3 non-polymer 'CHLORIDE ION'
4 non-polymer (4S)-2-METHYL-2,4-PENTANEDIOL
5 non-polymer GLYCEROL
6 non-polymer 'trifluoroacetic acid'
7 water water
#
loop_
_entity_poly.entity_id
_entity_poly.type
_entity_poly.pdbx_seq_one_letter_code
_entity_poly.pdbx_strand_id
1 'polypeptide(L)'
;LPKSVDWRKKGYVTPVKNQKQCGSAWAFSATGALEGQMFRKTGKLVSLSEQNLVDCSRPQGNQGCNGGFMARAFQYVKEN
GGLDSEESYPYVAVDEICKYRPENSVAQDTGFTVVAPGKEKALMKAVATVGPISVAMDAGHSSFQFYKSGIYFEPDCSSK
NLDHGVLVVGYGFEGANSQNSKYWLVKNSWGPEWGSNGYVKIAKDKNNHCGIATAASYPNV
;
AA,BA
2 'polypeptide(L)' (ACE)RLSAKP(NH2) PAA,PAC,PBA
#
# COMPACT_ATOMS: atom_id res chain seq x y z
N LEU A 1 8.39 12.63 -19.14
CA LEU A 1 8.05 12.09 -17.83
C LEU A 1 7.55 10.66 -17.92
N PRO A 2 7.62 9.87 -16.83
CA PRO A 2 7.14 8.50 -16.84
C PRO A 2 5.65 8.38 -17.12
N LYS A 3 5.21 7.28 -17.75
CA LYS A 3 3.77 7.11 -18.00
C LYS A 3 3.00 6.88 -16.69
N SER A 4 3.69 6.38 -15.66
CA SER A 4 3.08 6.13 -14.37
C SER A 4 4.14 6.15 -13.31
N VAL A 5 3.75 6.46 -12.06
CA VAL A 5 4.67 6.54 -10.93
C VAL A 5 3.97 6.02 -9.70
N ASP A 6 4.67 5.27 -8.85
CA ASP A 6 4.03 4.86 -7.60
C ASP A 6 5.10 4.74 -6.54
N TRP A 7 5.26 5.81 -5.74
CA TRP A 7 6.34 5.81 -4.74
C TRP A 7 6.14 4.78 -3.63
N ARG A 8 4.90 4.25 -3.46
CA ARG A 8 4.67 3.20 -2.47
C ARG A 8 5.46 1.95 -2.78
N LYS A 9 5.68 1.70 -4.07
CA LYS A 9 6.40 0.53 -4.53
C LYS A 9 7.91 0.64 -4.37
N LYS A 10 8.40 1.82 -3.96
CA LYS A 10 9.81 2.04 -3.78
C LYS A 10 10.22 2.28 -2.34
N GLY A 11 9.28 2.13 -1.41
CA GLY A 11 9.60 2.25 0.01
C GLY A 11 9.50 3.62 0.65
N TYR A 12 9.02 4.61 -0.12
CA TYR A 12 8.88 6.01 0.32
C TYR A 12 7.70 6.33 1.22
N VAL A 13 6.75 5.41 1.35
CA VAL A 13 5.49 5.74 2.00
C VAL A 13 5.15 4.85 3.20
N THR A 14 4.81 5.47 4.33
CA THR A 14 4.40 4.75 5.53
C THR A 14 2.97 4.20 5.41
N PRO A 15 2.57 3.24 6.27
CA PRO A 15 1.23 2.71 6.23
C PRO A 15 0.22 3.82 6.52
N VAL A 16 -1.02 3.65 6.07
CA VAL A 16 -2.05 4.65 6.25
C VAL A 16 -2.35 4.94 7.72
N LYS A 17 -2.48 6.23 8.05
CA LYS A 17 -2.75 6.69 9.40
C LYS A 17 -4.20 7.17 9.54
N ASN A 18 -4.62 7.48 10.75
CA ASN A 18 -5.99 7.94 10.97
C ASN A 18 -6.01 9.17 11.88
N GLN A 19 -6.43 10.32 11.32
CA GLN A 19 -6.54 11.57 12.06
C GLN A 19 -7.63 11.58 13.10
N LYS A 20 -8.57 10.65 12.98
CA LYS A 20 -9.72 10.58 13.88
C LYS A 20 -10.49 11.89 13.90
N GLN A 21 -11.10 12.24 15.05
CA GLN A 21 -11.89 13.46 15.09
C GLN A 21 -11.08 14.69 15.47
N CYS A 22 -10.10 15.02 14.65
CA CYS A 22 -9.25 16.19 14.84
C CYS A 22 -8.99 16.71 13.46
N GLY A 23 -9.09 18.04 13.25
CA GLY A 23 -8.88 18.60 11.93
C GLY A 23 -7.41 18.79 11.60
N SER A 24 -6.70 17.68 11.54
CA SER A 24 -5.26 17.70 11.34
C SER A 24 -4.79 17.09 10.05
N ALA A 25 -5.65 17.00 9.03
CA ALA A 25 -5.17 16.40 7.79
C ALA A 25 -3.96 17.09 7.22
N TRP A 26 -3.86 18.41 7.43
CA TRP A 26 -2.71 19.16 6.97
C TRP A 26 -1.42 18.63 7.55
N ALA A 27 -1.49 18.13 8.80
CA ALA A 27 -0.30 17.60 9.45
C ALA A 27 0.08 16.24 8.89
N PHE A 28 -0.92 15.39 8.61
CA PHE A 28 -0.63 14.12 7.98
C PHE A 28 -0.09 14.27 6.57
N SER A 29 -0.59 15.28 5.83
CA SER A 29 -0.09 15.51 4.50
C SER A 29 1.39 15.93 4.57
N ALA A 30 1.69 16.81 5.55
CA ALA A 30 3.07 17.27 5.71
C ALA A 30 4.02 16.18 6.17
N THR A 31 3.59 15.35 7.18
CA THR A 31 4.51 14.27 7.56
C THR A 31 4.72 13.29 6.43
N GLY A 32 3.67 13.04 5.61
CA GLY A 32 3.84 12.11 4.49
C GLY A 32 4.87 12.62 3.50
N ALA A 33 4.82 13.92 3.19
CA ALA A 33 5.82 14.43 2.26
C ALA A 33 7.22 14.40 2.83
N LEU A 34 7.34 14.73 4.13
CA LEU A 34 8.63 14.70 4.77
C LEU A 34 9.15 13.27 4.92
N GLU A 35 8.25 12.29 5.15
CA GLU A 35 8.70 10.91 5.22
C GLU A 35 9.33 10.47 3.91
N GLY A 36 8.73 10.88 2.80
CA GLY A 36 9.30 10.50 1.51
C GLY A 36 10.64 11.16 1.24
N GLN A 37 10.76 12.45 1.60
CA GLN A 37 12.04 13.11 1.33
C GLN A 37 13.13 12.63 2.24
N MET A 38 12.79 12.34 3.52
CA MET A 38 13.84 11.80 4.37
C MET A 38 14.30 10.42 3.87
N PHE A 39 13.35 9.65 3.28
CA PHE A 39 13.69 8.34 2.73
C PHE A 39 14.61 8.49 1.54
N ARG A 40 14.30 9.44 0.68
CA ARG A 40 15.15 9.69 -0.47
C ARG A 40 16.55 10.06 -0.05
N LYS A 41 16.67 10.77 1.09
CA LYS A 41 17.97 11.22 1.56
C LYS A 41 18.78 10.19 2.32
N THR A 42 18.12 9.36 3.12
CA THR A 42 18.83 8.41 3.99
C THR A 42 18.62 6.95 3.75
N GLY A 43 17.58 6.58 3.03
CA GLY A 43 17.33 5.16 2.86
C GLY A 43 16.55 4.57 4.01
N LYS A 44 16.14 5.40 5.01
CA LYS A 44 15.40 4.87 6.13
C LYS A 44 14.01 5.47 6.15
N LEU A 45 13.00 4.60 6.25
CA LEU A 45 11.63 5.07 6.33
C LEU A 45 11.24 5.15 7.79
N VAL A 46 11.00 6.37 8.30
CA VAL A 46 10.66 6.56 9.71
C VAL A 46 9.37 7.36 9.83
N SER A 47 8.38 6.80 10.52
CA SER A 47 7.13 7.53 10.70
C SER A 47 7.34 8.81 11.52
N LEU A 48 6.77 9.94 11.05
CA LEU A 48 6.96 11.23 11.70
C LEU A 48 5.74 11.65 12.50
N SER A 49 5.95 12.57 13.47
CA SER A 49 4.93 13.01 14.41
C SER A 49 3.99 14.11 13.99
N GLU A 50 2.73 13.72 13.68
CA GLU A 50 1.71 14.71 13.42
C GLU A 50 1.38 15.52 14.67
N GLN A 51 1.45 14.86 15.84
CA GLN A 51 1.14 15.56 17.07
C GLN A 51 2.10 16.68 17.34
N ASN A 52 3.35 16.49 16.93
CA ASN A 52 4.35 17.51 17.11
C ASN A 52 3.93 18.74 16.31
N LEU A 53 3.43 18.52 15.07
CA LEU A 53 2.96 19.65 14.29
C LEU A 53 1.70 20.29 14.86
N VAL A 54 0.75 19.46 15.34
CA VAL A 54 -0.48 19.97 15.91
C VAL A 54 -0.22 20.86 17.12
N ASP A 55 0.60 20.35 18.04
CA ASP A 55 0.88 21.08 19.27
C ASP A 55 1.79 22.28 19.16
N CYS A 56 2.71 22.29 18.19
CA CYS A 56 3.77 23.30 18.16
C CYS A 56 3.80 24.33 17.07
N SER A 57 2.97 24.18 16.03
CA SER A 57 3.08 25.13 14.92
C SER A 57 2.08 26.25 14.86
N ARG A 58 1.46 26.57 16.03
CA ARG A 58 0.58 27.73 16.08
C ARG A 58 1.27 29.05 15.67
N PRO A 59 2.51 29.33 16.07
CA PRO A 59 3.15 30.59 15.65
C PRO A 59 3.25 30.81 14.17
N GLN A 60 3.39 29.71 13.42
CA GLN A 60 3.47 29.73 11.97
C GLN A 60 2.14 29.88 11.31
N GLY A 61 1.06 29.97 12.09
CA GLY A 61 -0.24 30.12 11.52
C GLY A 61 -1.15 28.89 11.47
N ASN A 62 -0.70 27.74 11.99
CA ASN A 62 -1.56 26.56 12.03
C ASN A 62 -2.49 26.66 13.26
N GLN A 63 -3.59 25.90 13.25
CA GLN A 63 -4.57 25.97 14.34
C GLN A 63 -4.85 24.59 14.92
N GLY A 64 -3.85 23.72 14.91
CA GLY A 64 -4.03 22.43 15.52
C GLY A 64 -5.14 21.59 14.96
N CYS A 65 -6.06 21.15 15.85
CA CYS A 65 -7.19 20.34 15.43
C CYS A 65 -8.25 21.17 14.74
N ASN A 66 -8.03 22.52 14.64
N ASN A 66 -8.07 22.51 14.59
CA ASN A 66 -8.96 23.39 13.95
CA ASN A 66 -9.04 23.34 13.90
C ASN A 66 -8.52 23.76 12.54
C ASN A 66 -8.59 23.71 12.49
N GLY A 67 -7.53 23.03 12.00
CA GLY A 67 -7.06 23.30 10.65
C GLY A 67 -5.64 23.85 10.56
N GLY A 68 -5.11 23.90 9.32
CA GLY A 68 -3.73 24.33 9.12
C GLY A 68 -3.34 24.16 7.67
N PHE A 69 -2.06 24.42 7.38
CA PHE A 69 -1.60 24.33 6.02
C PHE A 69 -0.26 23.67 5.96
N MET A 70 -0.05 22.86 4.92
CA MET A 70 1.20 22.13 4.82
C MET A 70 2.44 23.01 4.70
N ALA A 71 2.32 24.14 3.95
CA ALA A 71 3.48 25.01 3.84
C ALA A 71 3.86 25.60 5.17
N ARG A 72 2.84 25.89 6.03
CA ARG A 72 3.15 26.42 7.35
C ARG A 72 3.84 25.37 8.19
N ALA A 73 3.49 24.08 7.98
CA ALA A 73 4.17 23.02 8.69
C ALA A 73 5.61 22.88 8.26
N PHE A 74 5.88 22.98 6.93
CA PHE A 74 7.30 22.91 6.52
C PHE A 74 8.08 24.11 7.06
N GLN A 75 7.39 25.26 7.17
CA GLN A 75 8.01 26.47 7.73
C GLN A 75 8.36 26.23 9.16
N TYR A 76 7.46 25.58 9.93
CA TYR A 76 7.76 25.28 11.30
C TYR A 76 8.95 24.36 11.43
N VAL A 77 9.01 23.31 10.57
CA VAL A 77 10.12 22.40 10.72
C VAL A 77 11.46 23.12 10.45
N LYS A 78 11.48 24.05 9.46
CA LYS A 78 12.69 24.82 9.16
C LYS A 78 13.08 25.70 10.32
N GLU A 79 12.11 26.48 10.84
CA GLU A 79 12.40 27.38 11.92
C GLU A 79 12.75 26.70 13.16
N ASN A 80 12.14 25.53 13.40
CA ASN A 80 12.38 24.73 14.59
C ASN A 80 13.64 23.93 14.60
N GLY A 81 14.19 23.65 13.43
CA GLY A 81 15.40 22.84 13.43
C GLY A 81 15.21 21.35 13.46
N GLY A 82 13.94 20.88 13.42
CA GLY A 82 13.72 19.45 13.52
C GLY A 82 12.26 19.06 13.69
N LEU A 83 11.99 17.74 13.69
CA LEU A 83 10.64 17.20 13.86
C LEU A 83 10.79 15.82 14.47
N ASP A 84 10.03 15.54 15.51
CA ASP A 84 10.12 14.25 16.19
C ASP A 84 9.49 13.07 15.49
N SER A 85 9.92 11.85 15.84
CA SER A 85 9.30 10.64 15.31
C SER A 85 7.93 10.37 15.89
N GLU A 86 7.10 9.60 15.15
CA GLU A 86 5.77 9.24 15.60
C GLU A 86 5.90 8.48 16.88
N GLU A 87 6.91 7.64 16.94
CA GLU A 87 7.11 6.89 18.13
C GLU A 87 7.43 7.68 19.36
N SER A 88 8.24 8.69 19.23
CA SER A 88 8.58 9.46 20.41
C SER A 88 7.58 10.52 20.82
N TYR A 89 6.73 10.94 19.87
CA TYR A 89 5.74 11.99 20.09
C TYR A 89 4.44 11.47 19.47
N PRO A 90 3.74 10.56 20.13
CA PRO A 90 2.52 9.94 19.64
C PRO A 90 1.30 10.77 19.41
N TYR A 91 0.49 10.30 18.45
CA TYR A 91 -0.72 10.98 18.06
C TYR A 91 -1.90 10.70 18.97
N VAL A 92 -2.55 11.78 19.49
CA VAL A 92 -3.71 11.60 20.38
C VAL A 92 -4.96 12.32 19.92
N ALA A 93 -4.88 12.97 18.75
CA ALA A 93 -6.03 13.62 18.13
C ALA A 93 -6.75 14.71 18.92
N VAL A 94 -5.98 15.47 19.72
CA VAL A 94 -6.50 16.64 20.45
C VAL A 94 -5.35 17.62 20.60
N ASP A 95 -5.67 18.92 20.76
CA ASP A 95 -4.65 19.93 20.94
C ASP A 95 -3.99 19.79 22.29
N GLU A 96 -2.66 19.67 22.34
CA GLU A 96 -1.96 19.53 23.61
C GLU A 96 -0.73 20.45 23.72
N ILE A 97 -0.06 20.40 24.89
CA ILE A 97 1.15 21.21 25.11
C ILE A 97 2.27 20.80 24.19
N CYS A 98 2.99 21.77 23.61
CA CYS A 98 4.12 21.44 22.76
C CYS A 98 5.20 20.71 23.54
N LYS A 99 5.55 19.50 23.12
CA LYS A 99 6.55 18.72 23.79
C LYS A 99 7.68 18.36 22.85
N TYR A 100 8.04 19.31 21.96
CA TYR A 100 9.13 19.02 21.02
C TYR A 100 10.43 18.77 21.75
N ARG A 101 11.12 17.69 21.38
CA ARG A 101 12.38 17.31 21.95
C ARG A 101 13.43 17.19 20.88
N PRO A 102 14.43 18.06 20.86
CA PRO A 102 15.45 17.97 19.82
C PRO A 102 16.18 16.64 19.75
N GLU A 103 16.38 15.98 20.89
CA GLU A 103 17.07 14.71 20.92
C GLU A 103 16.30 13.60 20.21
N ASN A 104 14.98 13.82 19.99
CA ASN A 104 14.16 12.84 19.31
C ASN A 104 13.89 13.18 17.87
N SER A 105 14.51 14.26 17.37
CA SER A 105 14.29 14.64 15.98
C SER A 105 14.84 13.65 14.99
N VAL A 106 14.07 13.36 13.93
CA VAL A 106 14.54 12.45 12.90
C VAL A 106 14.34 13.08 11.54
N ALA A 107 13.99 14.37 11.48
CA ALA A 107 13.80 15.00 10.20
C ALA A 107 14.10 16.49 10.23
N GLN A 108 14.45 17.05 9.07
CA GLN A 108 14.75 18.47 8.96
C GLN A 108 14.41 18.94 7.57
N ASP A 109 14.14 20.23 7.41
CA ASP A 109 13.97 20.80 6.08
C ASP A 109 14.45 22.25 6.09
N THR A 110 14.82 22.76 4.93
CA THR A 110 15.36 24.11 4.79
C THR A 110 14.34 25.05 4.23
N GLY A 111 13.10 24.60 4.12
CA GLY A 111 12.09 25.41 3.48
C GLY A 111 11.25 24.47 2.62
N PHE A 112 10.57 25.00 1.63
CA PHE A 112 9.72 24.16 0.81
C PHE A 112 9.63 24.73 -0.59
N THR A 113 9.18 23.91 -1.55
CA THR A 113 9.01 24.32 -2.93
C THR A 113 7.55 24.29 -3.27
N VAL A 114 7.05 25.29 -3.95
CA VAL A 114 5.65 25.35 -4.38
C VAL A 114 5.50 24.93 -5.84
N VAL A 115 4.52 24.07 -6.11
CA VAL A 115 4.17 23.71 -7.48
C VAL A 115 3.36 24.88 -8.07
N ALA A 116 3.56 25.21 -9.37
CA ALA A 116 2.78 26.35 -9.88
C ALA A 116 1.29 26.10 -9.72
N PRO A 117 0.53 27.05 -9.12
CA PRO A 117 -0.90 26.82 -8.91
C PRO A 117 -1.73 26.48 -10.10
N GLY A 118 -2.55 25.43 -9.95
CA GLY A 118 -3.42 25.04 -11.04
C GLY A 118 -2.76 24.24 -12.14
N LYS A 119 -1.45 24.02 -12.08
CA LYS A 119 -0.86 23.30 -13.18
C LYS A 119 -0.69 21.81 -12.95
N GLU A 120 -1.63 20.99 -13.48
CA GLU A 120 -1.48 19.55 -13.31
C GLU A 120 -0.21 19.03 -13.94
N LYS A 121 0.24 19.66 -15.05
CA LYS A 121 1.47 19.20 -15.62
C LYS A 121 2.65 19.49 -14.74
N ALA A 122 2.58 20.63 -14.01
CA ALA A 122 3.65 20.93 -13.09
C ALA A 122 3.65 19.97 -11.93
N LEU A 123 2.43 19.56 -11.48
CA LEU A 123 2.34 18.60 -10.40
C LEU A 123 2.89 17.26 -10.84
N MET A 124 2.61 16.89 -12.11
CA MET A 124 3.13 15.63 -12.63
C MET A 124 4.66 15.61 -12.64
N LYS A 125 5.27 16.74 -13.03
CA LYS A 125 6.71 16.80 -12.99
C LYS A 125 7.28 16.67 -11.61
N ALA A 126 6.63 17.34 -10.61
CA ALA A 126 7.14 17.19 -9.26
C ALA A 126 7.00 15.81 -8.70
N VAL A 127 5.85 15.14 -8.96
CA VAL A 127 5.66 13.77 -8.48
C VAL A 127 6.71 12.85 -9.08
N ALA A 128 6.95 12.99 -10.39
CA ALA A 128 7.93 12.15 -11.05
C ALA A 128 9.37 12.35 -10.64
N THR A 129 9.73 13.59 -10.35
CA THR A 129 11.13 13.84 -10.06
C THR A 129 11.51 13.90 -8.61
N VAL A 130 10.55 14.24 -7.72
CA VAL A 130 10.83 14.43 -6.30
C VAL A 130 10.46 13.31 -5.34
N GLY A 131 9.21 12.84 -5.46
CA GLY A 131 8.66 11.89 -4.53
C GLY A 131 7.23 12.34 -4.21
N PRO A 132 6.64 11.80 -3.12
CA PRO A 132 5.27 12.18 -2.76
C PRO A 132 5.14 13.70 -2.52
N ILE A 133 4.00 14.28 -2.93
CA ILE A 133 3.78 15.73 -2.87
C ILE A 133 2.55 16.07 -2.02
N SER A 134 2.69 17.04 -1.10
CA SER A 134 1.52 17.48 -0.32
C SER A 134 0.57 18.26 -1.20
N VAL A 135 -0.76 18.01 -1.10
CA VAL A 135 -1.72 18.76 -1.90
C VAL A 135 -2.98 19.04 -1.12
N ALA A 136 -3.63 20.15 -1.44
CA ALA A 136 -4.93 20.43 -0.86
C ALA A 136 -6.01 19.95 -1.83
N MET A 137 -7.20 19.60 -1.31
CA MET A 137 -8.28 19.18 -2.19
C MET A 137 -9.62 19.49 -1.57
N ASP A 138 -10.68 19.43 -2.38
CA ASP A 138 -12.04 19.59 -1.91
C ASP A 138 -12.56 18.19 -1.62
N ALA A 139 -12.59 17.78 -0.34
CA ALA A 139 -13.05 16.46 0.08
C ALA A 139 -14.42 16.48 0.72
N GLY A 140 -15.05 17.64 0.71
CA GLY A 140 -16.36 17.79 1.36
C GLY A 140 -17.55 17.20 0.65
N HIS A 141 -17.55 15.88 0.37
CA HIS A 141 -18.64 15.24 -0.37
C HIS A 141 -18.96 13.87 0.12
N SER A 142 -20.27 13.50 0.17
CA SER A 142 -20.52 12.13 0.58
C SER A 142 -19.93 11.17 -0.36
N SER A 143 -19.83 11.54 -1.66
CA SER A 143 -19.24 10.61 -2.60
C SER A 143 -17.79 10.32 -2.24
N PHE A 144 -17.10 11.28 -1.61
CA PHE A 144 -15.73 11.01 -1.17
C PHE A 144 -15.70 10.18 0.07
N GLN A 145 -16.63 10.48 0.99
N GLN A 145 -16.64 10.46 0.98
CA GLN A 145 -16.67 9.68 2.18
CA GLN A 145 -16.68 9.68 2.18
C GLN A 145 -16.91 8.24 1.91
C GLN A 145 -16.90 8.23 1.92
N PHE A 146 -17.75 7.93 0.91
CA PHE A 146 -18.02 6.53 0.63
C PHE A 146 -17.29 5.99 -0.56
N TYR A 147 -16.20 6.67 -1.00
CA TYR A 147 -15.43 6.16 -2.12
C TYR A 147 -14.91 4.76 -1.86
N LYS A 148 -14.93 3.90 -2.88
CA LYS A 148 -14.38 2.57 -2.71
C LYS A 148 -13.50 2.12 -3.88
N SER A 149 -13.97 2.34 -5.12
CA SER A 149 -13.20 1.91 -6.29
C SER A 149 -13.35 2.84 -7.47
N GLY A 150 -12.47 2.68 -8.48
CA GLY A 150 -12.59 3.49 -9.68
C GLY A 150 -11.91 4.84 -9.59
N ILE A 151 -12.01 5.59 -10.70
CA ILE A 151 -11.43 6.92 -10.77
C ILE A 151 -12.45 7.88 -10.21
N TYR A 152 -12.16 8.51 -9.07
CA TYR A 152 -13.09 9.44 -8.47
C TYR A 152 -13.31 10.69 -9.32
N PHE A 153 -14.59 11.03 -9.55
CA PHE A 153 -15.00 12.21 -10.29
C PHE A 153 -16.29 12.67 -9.69
N GLU A 154 -16.32 13.88 -9.16
CA GLU A 154 -17.48 14.46 -8.52
C GLU A 154 -17.83 15.81 -9.14
N PRO A 155 -18.98 15.94 -9.79
CA PRO A 155 -19.37 17.18 -10.39
C PRO A 155 -19.41 18.34 -9.43
N ASP A 156 -19.72 18.07 -8.18
N ASP A 156 -19.73 18.08 -8.24
CA ASP A 156 -19.79 19.13 -7.19
CA ASP A 156 -19.84 19.13 -7.26
C ASP A 156 -18.44 19.63 -6.71
C ASP A 156 -18.48 19.65 -6.74
N CYS A 157 -17.34 18.97 -7.12
CA CYS A 157 -16.02 19.39 -6.66
C CYS A 157 -15.56 20.77 -7.08
N SER A 158 -14.94 21.49 -6.16
CA SER A 158 -14.38 22.79 -6.46
C SER A 158 -12.87 22.68 -6.68
N SER A 159 -12.31 23.49 -7.60
CA SER A 159 -10.85 23.53 -7.76
C SER A 159 -10.27 24.68 -6.96
N LYS A 160 -11.16 25.50 -6.36
CA LYS A 160 -10.72 26.68 -5.65
C LYS A 160 -10.99 26.71 -4.19
N ASN A 161 -12.15 26.21 -3.76
CA ASN A 161 -12.49 26.22 -2.35
C ASN A 161 -12.18 24.85 -1.79
N LEU A 162 -11.00 24.72 -1.15
CA LEU A 162 -10.51 23.45 -0.64
C LEU A 162 -10.62 23.30 0.84
N ASP A 163 -10.70 22.04 1.34
CA ASP A 163 -10.86 21.85 2.77
C ASP A 163 -10.11 20.69 3.36
N HIS A 164 -9.20 20.09 2.60
CA HIS A 164 -8.55 18.89 3.12
C HIS A 164 -7.13 18.78 2.57
N GLY A 165 -6.19 18.24 3.34
CA GLY A 165 -4.83 18.06 2.84
C GLY A 165 -4.59 16.59 2.71
N VAL A 166 -3.97 16.18 1.59
CA VAL A 166 -3.71 14.77 1.30
C VAL A 166 -2.32 14.65 0.67
N LEU A 167 -1.93 13.44 0.26
CA LEU A 167 -0.60 13.21 -0.27
C LEU A 167 -0.66 12.52 -1.62
N VAL A 168 -0.11 13.14 -2.67
CA VAL A 168 -0.07 12.46 -3.96
C VAL A 168 1.18 11.56 -4.00
N VAL A 169 0.96 10.24 -4.07
CA VAL A 169 2.06 9.29 -4.06
C VAL A 169 2.42 8.78 -5.45
N GLY A 170 1.71 9.22 -6.49
CA GLY A 170 2.01 8.74 -7.84
C GLY A 170 0.87 9.12 -8.76
N TYR A 171 0.92 8.52 -9.98
CA TYR A 171 -0.13 8.74 -10.96
C TYR A 171 -0.13 7.55 -11.91
N GLY A 172 -1.22 7.34 -12.60
CA GLY A 172 -1.28 6.18 -13.49
C GLY A 172 -2.40 6.35 -14.49
N PHE A 173 -2.77 5.23 -15.09
CA PHE A 173 -3.82 5.24 -16.09
C PHE A 173 -4.44 3.89 -16.21
N GLU A 174 -5.71 3.84 -16.63
N GLU A 174 -5.72 3.84 -16.63
CA GLU A 174 -6.39 2.58 -16.87
CA GLU A 174 -6.39 2.58 -16.88
C GLU A 174 -6.15 2.13 -18.29
C GLU A 174 -6.13 2.11 -18.28
N GLY A 175 -6.17 0.82 -18.54
CA GLY A 175 -6.02 0.33 -19.89
C GLY A 175 -4.64 0.40 -20.49
N ALA A 176 -4.57 0.24 -21.83
CA ALA A 176 -3.28 0.29 -22.51
C ALA A 176 -2.83 1.66 -22.98
N ASN A 177 -3.75 2.60 -23.08
CA ASN A 177 -3.34 3.92 -23.54
C ASN A 177 -2.96 4.78 -22.37
N SER A 178 -1.71 5.20 -22.32
CA SER A 178 -1.24 6.03 -21.21
C SER A 178 -1.77 7.45 -21.22
N GLN A 179 -2.38 7.84 -22.36
CA GLN A 179 -2.87 9.18 -22.56
C GLN A 179 -4.34 9.39 -22.24
N ASN A 180 -5.02 8.41 -21.68
CA ASN A 180 -6.41 8.63 -21.29
C ASN A 180 -6.76 7.83 -20.08
N SER A 181 -7.95 8.07 -19.48
CA SER A 181 -8.37 7.42 -18.24
C SER A 181 -7.27 7.52 -17.17
N LYS A 182 -6.69 8.71 -17.05
CA LYS A 182 -5.61 8.99 -16.11
C LYS A 182 -6.08 9.27 -14.68
N TYR A 183 -5.21 9.03 -13.70
CA TYR A 183 -5.56 9.32 -12.32
C TYR A 183 -4.34 9.64 -11.45
N TRP A 184 -4.63 10.37 -10.37
CA TRP A 184 -3.66 10.67 -9.33
C TRP A 184 -3.82 9.61 -8.27
N LEU A 185 -2.69 9.08 -7.72
CA LEU A 185 -2.76 8.13 -6.60
C LEU A 185 -2.66 8.94 -5.31
N VAL A 186 -3.73 8.94 -4.49
CA VAL A 186 -3.77 9.80 -3.31
C VAL A 186 -3.90 9.06 -2.00
N LYS A 187 -3.00 9.35 -1.04
CA LYS A 187 -3.03 8.79 0.30
C LYS A 187 -3.85 9.69 1.19
N ASN A 188 -4.88 9.13 1.85
CA ASN A 188 -5.69 9.88 2.80
C ASN A 188 -5.25 9.57 4.24
N SER A 189 -5.85 10.28 5.22
CA SER A 189 -5.53 10.07 6.63
C SER A 189 -6.79 9.71 7.41
N TRP A 190 -7.65 8.88 6.80
CA TRP A 190 -8.90 8.45 7.42
C TRP A 190 -8.86 6.97 7.80
N GLY A 191 -7.66 6.40 7.93
CA GLY A 191 -7.51 5.00 8.27
C GLY A 191 -7.51 4.13 7.04
N PRO A 192 -6.92 2.93 7.11
CA PRO A 192 -6.89 1.97 6.00
C PRO A 192 -8.26 1.47 5.59
N GLU A 193 -9.22 1.55 6.51
CA GLU A 193 -10.57 1.11 6.20
C GLU A 193 -11.31 1.99 5.24
N TRP A 194 -10.95 3.28 5.20
CA TRP A 194 -11.59 4.21 4.29
C TRP A 194 -11.14 3.96 2.91
N GLY A 195 -12.02 4.16 1.91
CA GLY A 195 -11.49 4.08 0.56
C GLY A 195 -10.93 2.74 0.17
N SER A 196 -9.93 2.76 -0.71
CA SER A 196 -9.27 1.55 -1.15
C SER A 196 -8.00 1.39 -0.34
N ASN A 197 -8.09 0.71 0.82
CA ASN A 197 -6.95 0.57 1.72
C ASN A 197 -6.40 1.95 2.15
N GLY A 198 -7.30 2.96 2.26
CA GLY A 198 -6.87 4.30 2.68
C GLY A 198 -6.48 5.20 1.54
N TYR A 199 -6.53 4.68 0.26
CA TYR A 199 -6.17 5.40 -0.96
C TYR A 199 -7.34 5.66 -1.85
N VAL A 200 -7.16 6.63 -2.78
CA VAL A 200 -8.17 6.95 -3.78
C VAL A 200 -7.49 7.35 -5.08
N LYS A 201 -8.16 7.00 -6.20
CA LYS A 201 -7.68 7.41 -7.52
C LYS A 201 -8.48 8.64 -7.87
N ILE A 202 -7.84 9.79 -8.08
CA ILE A 202 -8.59 10.99 -8.42
C ILE A 202 -8.36 11.30 -9.88
N ALA A 203 -9.45 11.70 -10.60
CA ALA A 203 -9.30 11.95 -12.03
C ALA A 203 -8.18 12.94 -12.31
N LYS A 204 -7.32 12.61 -13.31
CA LYS A 204 -6.16 13.42 -13.69
C LYS A 204 -6.36 13.99 -15.09
N ASP A 205 -5.93 15.25 -15.30
CA ASP A 205 -6.14 15.95 -16.58
C ASP A 205 -7.61 16.14 -16.88
N LYS A 206 -8.41 16.38 -15.84
CA LYS A 206 -9.83 16.65 -15.97
C LYS A 206 -10.06 17.99 -15.31
N ASN A 207 -9.31 18.98 -15.81
CA ASN A 207 -9.35 20.33 -15.33
C ASN A 207 -9.10 20.54 -13.86
N ASN A 208 -7.94 19.98 -13.37
CA ASN A 208 -7.57 20.20 -11.97
C ASN A 208 -8.70 19.77 -11.03
N HIS A 209 -9.17 18.53 -11.21
CA HIS A 209 -10.32 18.05 -10.44
C HIS A 209 -10.11 18.05 -8.92
N CYS A 210 -11.11 18.61 -8.22
CA CYS A 210 -11.08 18.80 -6.78
C CYS A 210 -9.90 19.64 -6.28
N GLY A 211 -9.24 20.38 -7.18
CA GLY A 211 -8.16 21.26 -6.72
C GLY A 211 -6.82 20.65 -6.42
N ILE A 212 -6.61 19.40 -6.90
N ILE A 212 -6.62 19.38 -6.92
CA ILE A 212 -5.36 18.72 -6.53
CA ILE A 212 -5.37 18.71 -6.56
C ILE A 212 -4.08 19.46 -6.88
C ILE A 212 -4.08 19.46 -6.87
N ALA A 213 -4.05 20.29 -7.94
CA ALA A 213 -2.84 21.03 -8.27
C ALA A 213 -2.91 22.51 -7.86
N THR A 214 -3.98 22.90 -7.14
CA THR A 214 -4.12 24.30 -6.71
C THR A 214 -3.12 24.78 -5.65
N ALA A 215 -2.79 23.94 -4.68
CA ALA A 215 -1.91 24.37 -3.61
C ALA A 215 -1.03 23.20 -3.20
N ALA A 216 -0.13 22.82 -4.10
CA ALA A 216 0.76 21.69 -3.88
C ALA A 216 2.17 22.13 -3.46
N SER A 217 2.83 21.36 -2.58
CA SER A 217 4.17 21.77 -2.15
C SER A 217 4.93 20.58 -1.60
N TYR A 218 6.26 20.72 -1.46
CA TYR A 218 7.05 19.67 -0.87
C TYR A 218 8.22 20.26 -0.10
N PRO A 219 8.66 19.62 0.99
CA PRO A 219 9.80 20.10 1.79
C PRO A 219 11.13 19.96 1.10
N ASN A 220 12.08 20.88 1.37
CA ASN A 220 13.41 20.75 0.80
C ASN A 220 14.28 20.18 1.84
N VAL A 221 14.87 18.98 1.61
CA VAL A 221 15.67 18.38 2.67
C VAL A 221 17.15 18.32 2.39
N LEU B 1 -0.24 -16.60 21.24
CA LEU B 1 -0.26 -15.84 20.01
C LEU B 1 -1.24 -14.68 20.05
N PRO B 2 -0.97 -13.60 19.30
CA PRO B 2 -1.86 -12.46 19.29
C PRO B 2 -3.24 -12.77 18.76
N LYS B 3 -4.27 -12.08 19.24
CA LYS B 3 -5.63 -12.33 18.78
C LYS B 3 -5.85 -11.84 17.37
N SER B 4 -4.98 -10.94 16.91
CA SER B 4 -5.12 -10.47 15.54
C SER B 4 -3.79 -9.97 15.07
N VAL B 5 -3.58 -10.05 13.76
CA VAL B 5 -2.33 -9.66 13.16
C VAL B 5 -2.59 -9.00 11.83
N ASP B 6 -1.85 -7.95 11.51
CA ASP B 6 -2.02 -7.33 10.20
C ASP B 6 -0.73 -6.71 9.79
N TRP B 7 0.03 -7.44 8.96
CA TRP B 7 1.33 -6.95 8.54
C TRP B 7 1.29 -5.68 7.70
N ARG B 8 0.12 -5.33 7.14
CA ARG B 8 0.03 -4.10 6.38
C ARG B 8 0.34 -2.90 7.26
N LYS B 9 -0.03 -3.00 8.55
CA LYS B 9 0.19 -1.89 9.48
C LYS B 9 1.64 -1.67 9.80
N LYS B 10 2.50 -2.67 9.53
CA LYS B 10 3.92 -2.57 9.82
C LYS B 10 4.80 -2.29 8.68
N GLY B 11 4.22 -2.07 7.50
CA GLY B 11 5.07 -1.76 6.37
C GLY B 11 5.60 -2.88 5.49
N TYR B 12 5.09 -4.10 5.70
CA TYR B 12 5.49 -5.30 4.97
C TYR B 12 4.86 -5.55 3.62
N VAL B 13 3.78 -4.80 3.29
CA VAL B 13 2.97 -5.12 2.11
C VAL B 13 2.84 -4.02 1.08
N THR B 14 3.17 -4.35 -0.19
CA THR B 14 3.05 -3.44 -1.32
C THR B 14 1.58 -3.29 -1.72
N PRO B 15 1.25 -2.27 -2.56
CA PRO B 15 -0.13 -2.09 -2.99
C PRO B 15 -0.70 -3.31 -3.74
N VAL B 16 -2.02 -3.42 -3.81
CA VAL B 16 -2.65 -4.49 -4.59
C VAL B 16 -2.24 -4.37 -6.08
N LYS B 17 -1.89 -5.51 -6.68
CA LYS B 17 -1.48 -5.61 -8.07
C LYS B 17 -2.56 -6.32 -8.85
N ASN B 18 -2.40 -6.43 -10.18
CA ASN B 18 -3.41 -7.07 -11.03
C ASN B 18 -2.74 -7.94 -12.10
N GLN B 19 -2.94 -9.25 -11.97
CA GLN B 19 -2.38 -10.22 -12.92
C GLN B 19 -3.03 -10.12 -14.30
N LYS B 20 -4.25 -9.52 -14.37
CA LYS B 20 -4.99 -9.43 -15.60
C LYS B 20 -5.17 -10.81 -16.24
N GLN B 21 -5.18 -10.89 -17.58
CA GLN B 21 -5.47 -12.17 -18.21
C GLN B 21 -4.27 -13.05 -18.45
N CYS B 22 -3.64 -13.47 -17.37
CA CYS B 22 -2.45 -14.28 -17.38
C CYS B 22 -2.50 -15.13 -16.15
N GLY B 23 -2.30 -16.46 -16.24
CA GLY B 23 -2.37 -17.30 -15.05
C GLY B 23 -1.12 -17.27 -14.22
N SER B 24 -0.81 -16.07 -13.71
CA SER B 24 0.38 -15.81 -12.96
C SER B 24 0.17 -15.54 -11.48
N ALA B 25 -0.97 -16.00 -10.88
CA ALA B 25 -1.17 -15.71 -9.44
C ALA B 25 -0.05 -16.27 -8.59
N TRP B 26 0.54 -17.40 -9.01
CA TRP B 26 1.65 -17.98 -8.28
C TRP B 26 2.80 -17.00 -8.17
N ALA B 27 2.99 -16.17 -9.22
CA ALA B 27 4.07 -15.22 -9.17
C ALA B 27 3.78 -14.05 -8.23
N PHE B 28 2.49 -13.61 -8.21
CA PHE B 28 2.13 -12.53 -7.30
C PHE B 28 2.20 -12.95 -5.86
N SER B 29 1.82 -14.21 -5.60
CA SER B 29 1.90 -14.71 -4.25
C SER B 29 3.33 -14.80 -3.80
N ALA B 30 4.21 -15.25 -4.70
CA ALA B 30 5.62 -15.36 -4.34
C ALA B 30 6.27 -14.03 -4.15
N THR B 31 6.01 -13.03 -5.04
CA THR B 31 6.64 -11.74 -4.81
C THR B 31 6.11 -11.10 -3.52
N GLY B 32 4.82 -11.33 -3.18
CA GLY B 32 4.32 -10.73 -1.95
C GLY B 32 5.03 -11.29 -0.73
N ALA B 33 5.28 -12.62 -0.70
CA ALA B 33 5.99 -13.15 0.44
C ALA B 33 7.41 -12.70 0.49
N LEU B 34 8.09 -12.64 -0.66
CA LEU B 34 9.45 -12.16 -0.70
C LEU B 34 9.57 -10.69 -0.35
N GLU B 35 8.53 -9.88 -0.73
CA GLU B 35 8.54 -8.47 -0.40
C GLU B 35 8.51 -8.30 1.11
N GLY B 36 7.69 -9.12 1.79
CA GLY B 36 7.62 -9.00 3.24
C GLY B 36 8.92 -9.43 3.91
N GLN B 37 9.56 -10.52 3.42
CA GLN B 37 10.81 -10.94 4.04
C GLN B 37 11.95 -10.00 3.78
N MET B 38 12.03 -9.43 2.56
CA MET B 38 13.09 -8.47 2.30
C MET B 38 12.91 -7.23 3.14
N PHE B 39 11.64 -6.86 3.41
CA PHE B 39 11.39 -5.71 4.25
C PHE B 39 11.90 -5.95 5.65
N ARG B 40 11.59 -7.13 6.19
CA ARG B 40 12.04 -7.47 7.53
C ARG B 40 13.52 -7.43 7.64
N LYS B 41 14.20 -7.79 6.57
CA LYS B 41 15.65 -7.80 6.61
C LYS B 41 16.34 -6.46 6.37
N THR B 42 15.74 -5.60 5.56
CA THR B 42 16.40 -4.34 5.23
C THR B 42 15.71 -3.05 5.59
N GLY B 43 14.42 -3.12 5.86
CA GLY B 43 13.69 -1.89 6.17
C GLY B 43 13.20 -1.17 4.92
N LYS B 44 13.46 -1.74 3.73
CA LYS B 44 12.99 -1.09 2.53
C LYS B 44 11.96 -1.95 1.86
N LEU B 45 10.80 -1.37 1.60
CA LEU B 45 9.73 -2.10 0.93
C LEU B 45 9.86 -1.81 -0.55
N VAL B 46 10.25 -2.81 -1.34
CA VAL B 46 10.46 -2.62 -2.76
C VAL B 46 9.66 -3.64 -3.56
N SER B 47 8.78 -3.15 -4.47
CA SER B 47 8.00 -4.06 -5.30
C SER B 47 8.89 -4.91 -6.22
N LEU B 48 8.60 -6.23 -6.25
CA LEU B 48 9.37 -7.20 -7.04
C LEU B 48 8.68 -7.55 -8.34
N SER B 49 9.48 -8.05 -9.29
CA SER B 49 8.98 -8.32 -10.63
C SER B 49 8.30 -9.65 -10.89
N GLU B 50 6.95 -9.64 -10.99
CA GLU B 50 6.28 -10.87 -11.40
C GLU B 50 6.66 -11.24 -12.82
N GLN B 51 6.93 -10.25 -13.68
CA GLN B 51 7.28 -10.57 -15.04
C GLN B 51 8.56 -11.35 -15.12
N ASN B 52 9.51 -11.04 -14.22
CA ASN B 52 10.78 -11.75 -14.17
C ASN B 52 10.51 -13.20 -13.87
N LEU B 53 9.55 -13.46 -12.94
CA LEU B 53 9.21 -14.84 -12.62
C LEU B 53 8.51 -15.54 -13.77
N VAL B 54 7.57 -14.84 -14.41
CA VAL B 54 6.85 -15.44 -15.53
C VAL B 54 7.77 -15.81 -16.69
N ASP B 55 8.64 -14.87 -17.08
CA ASP B 55 9.53 -15.10 -18.20
C ASP B 55 10.67 -16.04 -18.00
N CYS B 56 11.21 -16.10 -16.77
CA CYS B 56 12.45 -16.82 -16.52
C CYS B 56 12.42 -18.10 -15.75
N SER B 57 11.28 -18.52 -15.16
CA SER B 57 11.36 -19.69 -14.29
C SER B 57 10.85 -21.01 -14.83
N ARG B 58 10.77 -21.12 -16.17
CA ARG B 58 10.41 -22.39 -16.79
C ARG B 58 11.37 -23.53 -16.38
N PRO B 59 12.69 -23.32 -16.29
CA PRO B 59 13.55 -24.44 -15.90
C PRO B 59 13.21 -25.06 -14.59
N GLN B 60 12.70 -24.25 -13.65
CA GLN B 60 12.30 -24.69 -12.34
C GLN B 60 10.96 -25.36 -12.34
N GLY B 61 10.30 -25.43 -13.49
CA GLY B 61 9.00 -26.09 -13.53
C GLY B 61 7.76 -25.21 -13.59
N ASN B 62 7.93 -23.87 -13.65
CA ASN B 62 6.75 -23.03 -13.82
C ASN B 62 6.33 -22.91 -15.27
N GLN B 63 5.07 -22.54 -15.53
CA GLN B 63 4.60 -22.43 -16.89
C GLN B 63 4.09 -21.04 -17.29
N GLY B 64 4.73 -19.97 -16.77
CA GLY B 64 4.37 -18.62 -17.16
C GLY B 64 2.91 -18.31 -16.92
N CYS B 65 2.22 -17.84 -18.01
CA CYS B 65 0.81 -17.52 -17.90
C CYS B 65 -0.09 -18.76 -17.83
N ASN B 66 0.50 -19.97 -17.97
CA ASN B 66 -0.28 -21.19 -17.85
C ASN B 66 -0.20 -21.82 -16.47
N GLY B 67 0.22 -21.06 -15.47
CA GLY B 67 0.30 -21.60 -14.11
C GLY B 67 1.70 -21.85 -13.62
N GLY B 68 1.78 -22.11 -12.29
CA GLY B 68 3.08 -22.30 -11.68
C GLY B 68 2.96 -22.51 -10.18
N PHE B 69 4.11 -22.52 -9.47
CA PHE B 69 4.04 -22.75 -8.05
C PHE B 69 4.86 -21.78 -7.30
N MET B 70 4.35 -21.33 -6.14
CA MET B 70 5.15 -20.40 -5.37
C MET B 70 6.48 -21.00 -4.96
N ALA B 71 6.46 -22.29 -4.59
CA ALA B 71 7.72 -22.87 -4.21
C ALA B 71 8.71 -22.92 -5.32
N ARG B 72 8.25 -23.14 -6.57
CA ARG B 72 9.21 -23.15 -7.66
C ARG B 72 9.75 -21.77 -7.91
N ALA B 73 8.96 -20.75 -7.56
CA ALA B 73 9.43 -19.39 -7.72
C ALA B 73 10.53 -19.10 -6.77
N PHE B 74 10.36 -19.51 -5.50
CA PHE B 74 11.45 -19.27 -4.58
C PHE B 74 12.68 -20.06 -5.01
N GLN B 75 12.45 -21.24 -5.63
CA GLN B 75 13.61 -22.02 -6.08
C GLN B 75 14.33 -21.31 -7.18
N TYR B 76 13.59 -20.64 -8.08
CA TYR B 76 14.26 -19.89 -9.11
C TYR B 76 15.08 -18.78 -8.55
N VAL B 77 14.55 -18.06 -7.54
CA VAL B 77 15.33 -16.96 -7.02
C VAL B 77 16.63 -17.44 -6.45
N LYS B 78 16.57 -18.59 -5.77
CA LYS B 78 17.77 -19.15 -5.21
C LYS B 78 18.77 -19.58 -6.25
N GLU B 79 18.32 -20.31 -7.28
CA GLU B 79 19.24 -20.76 -8.31
C GLU B 79 19.79 -19.66 -9.14
N ASN B 80 18.96 -18.64 -9.32
CA ASN B 80 19.35 -17.52 -10.14
C ASN B 80 20.23 -16.51 -9.45
N GLY B 81 20.21 -16.48 -8.12
CA GLY B 81 21.03 -15.49 -7.40
C GLY B 81 20.42 -14.11 -7.27
N GLY B 82 19.13 -13.95 -7.65
CA GLY B 82 18.53 -12.62 -7.58
C GLY B 82 17.17 -12.61 -8.22
N LEU B 83 16.50 -11.45 -8.11
CA LEU B 83 15.15 -11.21 -8.66
C LEU B 83 15.09 -9.71 -8.87
N ASP B 84 14.73 -9.27 -10.08
CA ASP B 84 14.66 -7.85 -10.40
C ASP B 84 13.47 -7.12 -9.81
N SER B 85 13.65 -5.80 -9.60
CA SER B 85 12.57 -4.94 -9.13
C SER B 85 11.46 -4.80 -10.16
N GLU B 86 10.22 -4.55 -9.72
CA GLU B 86 9.16 -4.28 -10.67
C GLU B 86 9.48 -3.06 -11.51
N GLU B 87 10.12 -2.06 -10.89
CA GLU B 87 10.47 -0.87 -11.63
C GLU B 87 11.35 -1.14 -12.82
N SER B 88 12.30 -2.06 -12.67
CA SER B 88 13.21 -2.38 -13.76
C SER B 88 12.67 -3.34 -14.78
N TYR B 89 11.75 -4.20 -14.36
CA TYR B 89 11.21 -5.30 -15.17
C TYR B 89 9.69 -5.30 -15.02
N PRO B 90 8.99 -4.38 -15.73
CA PRO B 90 7.54 -4.23 -15.65
C PRO B 90 6.63 -5.38 -16.10
N TYR B 91 5.46 -5.45 -15.50
CA TYR B 91 4.51 -6.49 -15.82
C TYR B 91 3.63 -6.20 -17.02
N VAL B 92 3.56 -7.15 -17.98
CA VAL B 92 2.73 -6.96 -19.18
C VAL B 92 1.71 -8.04 -19.36
N ALA B 93 1.60 -8.95 -18.38
CA ALA B 93 0.60 -10.02 -18.41
C ALA B 93 0.59 -10.95 -19.63
N VAL B 94 1.78 -11.24 -20.17
CA VAL B 94 1.94 -12.20 -21.27
C VAL B 94 3.25 -12.89 -21.07
N ASP B 95 3.42 -14.07 -21.68
CA ASP B 95 4.69 -14.77 -21.60
C ASP B 95 5.71 -14.13 -22.50
N GLU B 96 6.88 -13.73 -22.00
CA GLU B 96 7.88 -13.12 -22.85
C GLU B 96 9.26 -13.74 -22.61
N ILE B 97 10.24 -13.35 -23.43
CA ILE B 97 11.61 -13.84 -23.29
C ILE B 97 12.26 -13.32 -22.02
N CYS B 98 13.04 -14.16 -21.33
CA CYS B 98 13.68 -13.72 -20.10
C CYS B 98 14.59 -12.54 -20.29
N LYS B 99 14.47 -11.52 -19.40
CA LYS B 99 15.27 -10.33 -19.49
C LYS B 99 16.00 -10.02 -18.21
N TYR B 100 16.22 -11.02 -17.38
CA TYR B 100 16.86 -10.80 -16.10
C TYR B 100 18.25 -10.18 -16.16
N ARG B 101 18.51 -9.23 -15.25
CA ARG B 101 19.80 -8.60 -15.15
C ARG B 101 20.26 -8.55 -13.71
N PRO B 102 21.43 -9.10 -13.35
CA PRO B 102 21.83 -9.00 -11.95
C PRO B 102 21.94 -7.59 -11.42
N GLU B 103 22.29 -6.63 -12.30
CA GLU B 103 22.42 -5.24 -11.87
C GLU B 103 21.13 -4.67 -11.35
N ASN B 104 20.00 -5.27 -11.75
CA ASN B 104 18.68 -4.81 -11.32
C ASN B 104 18.08 -5.59 -10.21
N SER B 105 18.82 -6.59 -9.70
CA SER B 105 18.31 -7.42 -8.62
C SER B 105 18.20 -6.65 -7.31
N VAL B 106 17.13 -6.93 -6.53
CA VAL B 106 16.91 -6.29 -5.25
C VAL B 106 16.47 -7.30 -4.21
N ALA B 107 16.51 -8.61 -4.56
CA ALA B 107 16.08 -9.64 -3.62
C ALA B 107 16.86 -10.93 -3.83
N GLN B 108 16.95 -11.75 -2.77
CA GLN B 108 17.64 -13.04 -2.80
C GLN B 108 16.97 -13.94 -1.80
N ASP B 109 17.06 -15.26 -2.00
CA ASP B 109 16.55 -16.17 -0.99
C ASP B 109 17.40 -17.43 -1.07
N THR B 110 17.42 -18.23 0.01
CA THR B 110 18.24 -19.43 0.06
C THR B 110 17.43 -20.68 0.00
N GLY B 111 16.15 -20.55 -0.32
CA GLY B 111 15.27 -21.70 -0.30
C GLY B 111 13.95 -21.25 0.29
N PHE B 112 13.18 -22.18 0.81
CA PHE B 112 11.89 -21.84 1.35
C PHE B 112 11.49 -22.83 2.44
N THR B 113 10.51 -22.45 3.27
CA THR B 113 9.97 -23.25 4.36
C THR B 113 8.50 -23.59 4.14
N VAL B 114 8.09 -24.85 4.35
CA VAL B 114 6.70 -25.25 4.24
C VAL B 114 6.01 -25.29 5.59
N VAL B 115 4.82 -24.69 5.70
CA VAL B 115 4.03 -24.79 6.92
C VAL B 115 3.39 -26.16 7.04
N ALA B 116 3.26 -26.72 8.27
CA ALA B 116 2.64 -28.04 8.40
C ALA B 116 1.33 -28.10 7.64
N PRO B 117 1.23 -28.96 6.61
CA PRO B 117 -0.01 -29.01 5.85
C PRO B 117 -1.27 -29.32 6.53
N GLY B 118 -2.30 -28.57 6.16
CA GLY B 118 -3.61 -28.80 6.71
C GLY B 118 -3.83 -28.21 8.09
N LYS B 119 -2.79 -27.63 8.70
CA LYS B 119 -2.93 -27.14 10.06
C LYS B 119 -3.11 -25.66 10.16
N GLU B 120 -4.36 -25.22 10.38
CA GLU B 120 -4.59 -23.80 10.55
C GLU B 120 -3.86 -23.21 11.72
N LYS B 121 -3.75 -23.97 12.82
CA LYS B 121 -3.01 -23.39 13.92
C LYS B 121 -1.55 -23.25 13.57
N ALA B 122 -1.02 -24.13 12.70
CA ALA B 122 0.35 -23.94 12.33
C ALA B 122 0.51 -22.73 11.44
N LEU B 123 -0.50 -22.46 10.59
CA LEU B 123 -0.45 -21.28 9.75
C LEU B 123 -0.54 -20.03 10.60
N MET B 124 -1.35 -20.09 11.67
CA MET B 124 -1.49 -18.92 12.53
C MET B 124 -0.18 -18.59 13.17
N LYS B 125 0.57 -19.64 13.60
CA LYS B 125 1.85 -19.40 14.20
C LYS B 125 2.82 -18.82 13.23
N ALA B 126 2.79 -19.29 11.97
CA ALA B 126 3.73 -18.72 11.04
C ALA B 126 3.41 -17.28 10.70
N VAL B 127 2.11 -16.97 10.55
CA VAL B 127 1.71 -15.60 10.24
C VAL B 127 2.14 -14.66 11.34
N ALA B 128 1.92 -15.08 12.61
CA ALA B 128 2.29 -14.23 13.72
C ALA B 128 3.76 -14.01 13.89
N THR B 129 4.62 -14.96 13.50
CA THR B 129 6.03 -14.76 13.74
C THR B 129 6.87 -14.43 12.55
N VAL B 130 6.44 -14.80 11.34
CA VAL B 130 7.26 -14.56 10.16
C VAL B 130 6.98 -13.31 9.36
N GLY B 131 5.70 -13.07 9.07
CA GLY B 131 5.31 -12.00 8.18
C GLY B 131 4.32 -12.63 7.23
N PRO B 132 4.02 -11.96 6.10
CA PRO B 132 3.07 -12.53 5.14
C PRO B 132 3.48 -13.91 4.60
N ILE B 133 2.49 -14.80 4.39
CA ILE B 133 2.74 -16.19 3.97
C ILE B 133 2.09 -16.51 2.64
N SER B 134 2.86 -17.11 1.70
CA SER B 134 2.22 -17.57 0.45
C SER B 134 1.29 -18.74 0.70
N VAL B 135 0.10 -18.76 0.10
CA VAL B 135 -0.80 -19.89 0.31
C VAL B 135 -1.56 -20.20 -0.97
N ALA B 136 -2.02 -21.45 -1.10
CA ALA B 136 -2.85 -21.83 -2.23
C ALA B 136 -4.28 -21.94 -1.75
N MET B 137 -5.27 -21.73 -2.62
CA MET B 137 -6.65 -21.85 -2.22
C MET B 137 -7.51 -22.30 -3.38
N ASP B 138 -8.72 -22.72 -3.08
CA ASP B 138 -9.67 -23.08 -4.10
C ASP B 138 -10.45 -21.81 -4.41
N ALA B 139 -10.14 -21.17 -5.55
CA ALA B 139 -10.81 -19.96 -5.97
C ALA B 139 -11.85 -20.22 -7.04
N GLY B 140 -12.10 -21.51 -7.33
CA GLY B 140 -13.00 -21.88 -8.42
C GLY B 140 -14.49 -21.81 -8.23
N HIS B 141 -15.02 -20.68 -7.73
CA HIS B 141 -16.45 -20.58 -7.53
C HIS B 141 -16.87 -19.20 -7.90
N SER B 142 -18.07 -19.06 -8.47
CA SER B 142 -18.52 -17.74 -8.85
C SER B 142 -18.60 -16.82 -7.67
N SER B 143 -18.87 -17.37 -6.48
CA SER B 143 -18.96 -16.53 -5.31
C SER B 143 -17.66 -15.80 -5.01
N PHE B 144 -16.52 -16.37 -5.40
CA PHE B 144 -15.24 -15.71 -5.18
C PHE B 144 -15.07 -14.57 -6.15
N GLN B 145 -15.48 -14.80 -7.40
CA GLN B 145 -15.35 -13.77 -8.38
C GLN B 145 -16.12 -12.53 -8.04
N PHE B 146 -17.28 -12.73 -7.44
CA PHE B 146 -18.14 -11.63 -7.12
C PHE B 146 -18.09 -11.17 -5.69
N TYR B 147 -17.14 -11.66 -4.93
CA TYR B 147 -17.02 -11.26 -3.54
C TYR B 147 -16.81 -9.77 -3.35
N LYS B 148 -17.49 -9.17 -2.34
N LYS B 148 -17.53 -9.17 -2.33
CA LYS B 148 -17.29 -7.74 -2.12
CA LYS B 148 -17.41 -7.74 -2.08
C LYS B 148 -16.89 -7.43 -0.68
C LYS B 148 -16.92 -7.43 -0.69
N SER B 149 -17.51 -8.09 0.31
CA SER B 149 -17.12 -7.79 1.68
C SER B 149 -17.55 -8.84 2.65
N GLY B 150 -17.08 -8.71 3.90
CA GLY B 150 -17.49 -9.68 4.90
C GLY B 150 -16.64 -10.92 4.90
N ILE B 151 -17.03 -11.90 5.73
CA ILE B 151 -16.27 -13.13 5.80
C ILE B 151 -16.68 -14.07 4.69
N TYR B 152 -15.73 -14.45 3.84
CA TYR B 152 -16.03 -15.36 2.76
C TYR B 152 -16.18 -16.81 3.20
N PHE B 153 -17.34 -17.39 2.90
CA PHE B 153 -17.64 -18.80 3.19
C PHE B 153 -18.39 -19.39 2.03
N GLU B 154 -17.76 -20.33 1.31
CA GLU B 154 -18.36 -21.01 0.20
C GLU B 154 -18.64 -22.47 0.53
N PRO B 155 -19.90 -22.91 0.57
CA PRO B 155 -20.18 -24.31 0.90
C PRO B 155 -19.49 -25.34 0.03
N ASP B 156 -19.31 -25.03 -1.24
CA ASP B 156 -18.68 -25.96 -2.15
C ASP B 156 -17.17 -25.87 -2.18
N CYS B 157 -16.59 -25.01 -1.32
CA CYS B 157 -15.14 -24.89 -1.33
C CYS B 157 -14.38 -26.14 -0.97
N SER B 158 -13.27 -26.40 -1.67
CA SER B 158 -12.43 -27.57 -1.45
C SER B 158 -11.20 -27.25 -0.68
N SER B 159 -10.88 -28.10 0.32
CA SER B 159 -9.66 -27.91 1.06
C SER B 159 -8.47 -28.58 0.39
N LYS B 160 -8.69 -29.32 -0.73
N LYS B 160 -8.74 -29.36 -0.70
CA LYS B 160 -7.62 -30.07 -1.38
CA LYS B 160 -7.70 -30.14 -1.35
C LYS B 160 -7.44 -29.80 -2.83
C LYS B 160 -7.50 -29.85 -2.82
N ASN B 161 -8.54 -29.47 -3.52
CA ASN B 161 -8.49 -29.19 -4.95
C ASN B 161 -8.33 -27.70 -5.08
N LEU B 162 -7.05 -27.24 -5.16
CA LEU B 162 -6.68 -25.82 -5.22
C LEU B 162 -6.22 -25.34 -6.56
N ASP B 163 -6.48 -24.07 -6.88
CA ASP B 163 -6.08 -23.54 -8.19
C ASP B 163 -5.57 -22.12 -8.20
N HIS B 164 -5.34 -21.51 -7.04
CA HIS B 164 -4.97 -20.10 -7.04
C HIS B 164 -3.98 -19.75 -5.95
N GLY B 165 -3.00 -18.90 -6.23
CA GLY B 165 -2.04 -18.53 -5.20
C GLY B 165 -2.38 -17.14 -4.67
N VAL B 166 -2.40 -16.95 -3.34
CA VAL B 166 -2.69 -15.65 -2.72
C VAL B 166 -1.73 -15.45 -1.56
N LEU B 167 -1.89 -14.34 -0.82
CA LEU B 167 -0.97 -14.02 0.26
C LEU B 167 -1.72 -13.74 1.56
N VAL B 168 -1.40 -14.52 2.63
CA VAL B 168 -2.03 -14.23 3.91
C VAL B 168 -1.20 -13.16 4.61
N VAL B 169 -1.79 -11.97 4.86
CA VAL B 169 -1.06 -10.89 5.51
C VAL B 169 -1.43 -10.73 6.98
N GLY B 170 -2.35 -11.58 7.46
CA GLY B 170 -2.78 -11.46 8.85
C GLY B 170 -4.01 -12.27 9.14
N TYR B 171 -4.62 -12.03 10.31
CA TYR B 171 -5.85 -12.70 10.71
C TYR B 171 -6.53 -11.86 11.74
N GLY B 172 -7.80 -12.11 11.99
CA GLY B 172 -8.50 -11.30 12.96
C GLY B 172 -9.87 -11.87 13.24
N PHE B 173 -10.79 -11.01 13.65
CA PHE B 173 -12.12 -11.50 13.98
C PHE B 173 -13.11 -10.37 13.95
N GLU B 174 -14.41 -10.68 13.82
CA GLU B 174 -15.45 -9.65 13.84
C GLU B 174 -16.15 -9.62 15.15
N GLY B 175 -16.68 -8.48 15.58
CA GLY B 175 -17.40 -8.44 16.83
C GLY B 175 -16.51 -8.35 18.05
N ALA B 176 -17.11 -8.41 19.26
CA ALA B 176 -16.27 -8.32 20.45
C ALA B 176 -15.57 -9.59 20.85
N ASN B 177 -15.99 -10.73 20.30
CA ASN B 177 -15.38 -11.98 20.69
C ASN B 177 -14.22 -12.47 19.83
N SER B 178 -13.02 -12.55 20.40
CA SER B 178 -11.86 -12.96 19.60
C SER B 178 -11.85 -14.41 19.17
N GLN B 179 -12.72 -15.22 19.77
CA GLN B 179 -12.79 -16.63 19.45
C GLN B 179 -13.85 -17.05 18.44
N ASN B 180 -14.61 -16.11 17.85
CA ASN B 180 -15.53 -16.56 16.80
C ASN B 180 -15.57 -15.55 15.70
N SER B 181 -16.19 -15.88 14.56
CA SER B 181 -16.16 -14.97 13.43
C SER B 181 -14.75 -14.66 13.05
N LYS B 182 -13.91 -15.66 13.11
CA LYS B 182 -12.53 -15.46 12.76
C LYS B 182 -12.29 -15.46 11.26
N TYR B 183 -11.22 -14.79 10.83
CA TYR B 183 -10.91 -14.77 9.41
C TYR B 183 -9.46 -14.62 9.15
N TRP B 184 -9.05 -15.05 7.95
CA TRP B 184 -7.70 -14.87 7.46
C TRP B 184 -7.73 -13.60 6.60
N LEU B 185 -6.71 -12.70 6.71
CA LEU B 185 -6.63 -11.49 5.87
C LEU B 185 -5.83 -11.88 4.64
N VAL B 186 -6.47 -11.88 3.45
CA VAL B 186 -5.82 -12.35 2.25
C VAL B 186 -5.69 -11.31 1.14
N LYS B 187 -4.46 -11.08 0.67
CA LYS B 187 -4.22 -10.19 -0.46
C LYS B 187 -4.40 -10.98 -1.75
N ASN B 188 -5.27 -10.51 -2.66
CA ASN B 188 -5.46 -11.14 -3.97
C ASN B 188 -4.64 -10.33 -5.01
N SER B 189 -4.61 -10.82 -6.27
CA SER B 189 -3.88 -10.11 -7.33
C SER B 189 -4.82 -9.83 -8.49
N TRP B 190 -6.05 -9.41 -8.18
CA TRP B 190 -7.08 -9.12 -9.18
C TRP B 190 -7.41 -7.63 -9.25
N GLY B 191 -6.47 -6.80 -8.74
CA GLY B 191 -6.71 -5.37 -8.70
C GLY B 191 -7.49 -4.95 -7.46
N PRO B 192 -7.48 -3.62 -7.16
CA PRO B 192 -8.17 -3.03 -6.01
C PRO B 192 -9.66 -2.94 -6.08
N GLU B 193 -10.26 -3.12 -7.26
CA GLU B 193 -11.72 -3.09 -7.35
C GLU B 193 -12.35 -4.39 -6.89
N TRP B 194 -11.67 -5.50 -7.20
CA TRP B 194 -12.18 -6.80 -6.77
C TRP B 194 -12.22 -6.86 -5.27
N GLY B 195 -13.30 -7.38 -4.65
CA GLY B 195 -13.29 -7.47 -3.20
C GLY B 195 -13.30 -6.14 -2.49
N SER B 196 -13.75 -5.07 -3.19
CA SER B 196 -13.78 -3.67 -2.69
C SER B 196 -12.44 -3.03 -2.49
N ASN B 197 -11.46 -3.77 -1.96
CA ASN B 197 -10.13 -3.16 -1.81
C ASN B 197 -9.03 -4.09 -2.23
N GLY B 198 -9.39 -5.19 -2.95
CA GLY B 198 -8.37 -6.14 -3.39
C GLY B 198 -8.06 -7.25 -2.39
N TYR B 199 -8.68 -7.18 -1.19
CA TYR B 199 -8.47 -8.14 -0.11
C TYR B 199 -9.71 -8.93 0.16
N VAL B 200 -9.56 -10.10 0.79
CA VAL B 200 -10.72 -10.90 1.18
C VAL B 200 -10.49 -11.47 2.57
N LYS B 201 -11.56 -11.54 3.35
CA LYS B 201 -11.50 -12.15 4.66
C LYS B 201 -11.97 -13.61 4.50
N ILE B 202 -11.08 -14.58 4.55
CA ILE B 202 -11.55 -15.94 4.40
C ILE B 202 -11.88 -16.56 5.73
N ALA B 203 -12.97 -17.34 5.83
CA ALA B 203 -13.32 -17.89 7.15
C ALA B 203 -12.15 -18.67 7.73
N LYS B 204 -11.88 -18.44 9.04
CA LYS B 204 -10.76 -19.06 9.73
C LYS B 204 -11.22 -20.04 10.80
N ASP B 205 -10.45 -21.12 10.95
CA ASP B 205 -10.79 -22.16 11.91
C ASP B 205 -12.14 -22.77 11.62
N LYS B 206 -12.44 -22.93 10.33
CA LYS B 206 -13.65 -23.57 9.87
C LYS B 206 -13.26 -24.71 8.97
N ASN B 207 -12.51 -25.64 9.54
CA ASN B 207 -12.06 -26.79 8.78
C ASN B 207 -11.18 -26.46 7.58
N ASN B 208 -10.17 -25.55 7.72
CA ASN B 208 -9.26 -25.25 6.64
C ASN B 208 -10.01 -24.85 5.38
N HIS B 209 -10.92 -23.88 5.53
CA HIS B 209 -11.77 -23.47 4.43
C HIS B 209 -11.04 -23.02 3.17
N CYS B 210 -11.47 -23.53 2.00
CA CYS B 210 -10.87 -23.25 0.70
C CYS B 210 -9.41 -23.66 0.66
N GLY B 211 -8.97 -24.46 1.66
CA GLY B 211 -7.61 -24.95 1.60
C GLY B 211 -6.49 -24.00 1.96
N ILE B 212 -6.80 -22.91 2.69
N ILE B 212 -6.75 -22.82 2.67
CA ILE B 212 -5.78 -21.92 2.99
CA ILE B 212 -5.63 -21.91 2.86
C ILE B 212 -4.52 -22.43 3.68
C ILE B 212 -4.43 -22.47 3.62
N ALA B 213 -4.65 -23.47 4.51
CA ALA B 213 -3.48 -24.01 5.20
C ALA B 213 -2.90 -25.27 4.54
N THR B 214 -3.47 -25.70 3.42
CA THR B 214 -3.00 -26.92 2.78
C THR B 214 -1.62 -26.86 2.16
N ALA B 215 -1.24 -25.72 1.58
CA ALA B 215 0.04 -25.62 0.90
C ALA B 215 0.66 -24.26 1.08
N ALA B 216 0.95 -23.93 2.34
CA ALA B 216 1.52 -22.65 2.68
C ALA B 216 3.02 -22.65 2.76
N SER B 217 3.67 -21.54 2.36
CA SER B 217 5.12 -21.48 2.39
C SER B 217 5.66 -20.08 2.41
N TYR B 218 6.93 -19.95 2.79
CA TYR B 218 7.55 -18.64 2.76
C TYR B 218 9.01 -18.76 2.44
N PRO B 219 9.57 -17.80 1.73
CA PRO B 219 10.98 -17.73 1.35
C PRO B 219 12.00 -17.55 2.47
N ASN B 220 13.25 -18.10 2.40
CA ASN B 220 14.22 -17.86 3.46
C ASN B 220 15.19 -16.82 3.02
N VAL B 221 15.28 -15.66 3.72
N VAL B 221 15.23 -15.76 3.78
CA VAL B 221 16.19 -14.62 3.22
CA VAL B 221 16.12 -14.71 3.31
C VAL B 221 17.44 -14.36 4.04
C VAL B 221 17.35 -14.42 4.16
N ARG C 2 -8.19 27.32 5.93
CA ARG C 2 -7.57 26.23 6.64
C ARG C 2 -8.02 24.87 6.15
N LEU C 3 -7.08 23.96 5.99
CA LEU C 3 -7.42 22.61 5.60
C LEU C 3 -7.62 21.84 6.81
N SER C 4 -8.65 21.01 6.88
CA SER C 4 -8.90 20.22 8.06
C SER C 4 -8.87 18.75 7.78
N ALA D 5 -10.74 17.79 6.17
CA ALA D 5 -11.99 17.27 6.52
C ALA D 5 -11.74 16.02 7.36
N LYS D 6 -12.61 15.79 8.42
CA LYS D 6 -12.52 14.67 9.26
C LYS D 6 -13.32 13.53 8.71
N PRO D 7 -12.98 12.31 9.11
CA PRO D 7 -13.67 11.08 8.70
C PRO D 7 -15.14 11.17 9.07
N LEU E 3 0.57 -32.23 -6.50
CA LEU E 3 0.67 -30.78 -6.49
C LEU E 3 0.20 -30.17 -7.81
N SER E 4 -0.93 -29.45 -7.79
CA SER E 4 -1.50 -28.78 -8.95
C SER E 4 -0.99 -27.36 -9.15
N ALA E 5 -0.96 -26.90 -10.41
CA ALA E 5 -0.53 -25.55 -10.76
C ALA E 5 -1.48 -24.51 -10.21
N LYS E 6 -0.96 -23.29 -9.97
CA LYS E 6 -1.81 -22.26 -9.39
C LYS E 6 -1.91 -20.93 -10.14
N PRO E 7 -2.68 -20.93 -11.24
CA PRO E 7 -2.95 -19.78 -12.10
C PRO E 7 -3.62 -18.60 -11.44
#